data_7XGM
#
_entry.id   7XGM
#
_cell.length_a   118.742
_cell.length_b   149.079
_cell.length_c   54.897
_cell.angle_alpha   90.000
_cell.angle_beta   90.000
_cell.angle_gamma   90.000
#
_symmetry.space_group_name_H-M   'P 21 21 2'
#
loop_
_entity.id
_entity.type
_entity.pdbx_description
1 polymer 'Quinolinate Phosphoribosyl Transferase'
2 non-polymer 'SULFATE ION'
3 non-polymer 'QUINOLINIC ACID'
4 non-polymer 1,2-ETHANEDIOL
5 non-polymer 'CHLORIDE ION'
6 water water
#
_entity_poly.entity_id   1
_entity_poly.type   'polypeptide(L)'
_entity_poly.pdbx_seq_one_letter_code
;MIAEAWSPATDERLRAAGIDAEDARRVVVTALEEDLRYGADVTSDATVPADAVTEAVVASRQPGVLAGLPVALAVLDLVT
GGRFEVAECRADGDRLGPGDVALRVTAATRELLVAERTMLNLLCHLSGVATLTARWNDALAGTHCKVRDSRKTLPGLRLL
EKYAVRRGGGQNHRLGLGDAILIKDNHIVAGGSAGAALQAARAHTPGLPCEVEVTTLAELDEVLALGADEVMLDNFTVEQ
CVEAVRRRDAARTRTRLEASGGLTLDVAAAYARTGVDLLAVGALTHSAPALDLGLDFAPRTEGDVRQR
;
_entity_poly.pdbx_strand_id   A,B
#
loop_
_chem_comp.id
_chem_comp.type
_chem_comp.name
_chem_comp.formula
CL non-polymer 'CHLORIDE ION' 'Cl -1'
EDO non-polymer 1,2-ETHANEDIOL 'C2 H6 O2'
NTM non-polymer 'QUINOLINIC ACID' 'C7 H5 N O4'
SO4 non-polymer 'SULFATE ION' 'O4 S -2'
#
# COMPACT_ATOMS: atom_id res chain seq x y z
N ILE A 2 17.74 9.52 -13.03
CA ILE A 2 18.47 9.47 -14.31
C ILE A 2 19.90 8.95 -14.13
N ALA A 3 20.03 7.76 -13.51
CA ALA A 3 21.31 7.10 -13.29
C ALA A 3 21.10 5.58 -13.39
N GLU A 4 22.21 4.84 -13.45
CA GLU A 4 22.13 3.39 -13.61
C GLU A 4 21.75 2.72 -12.28
N ALA A 5 22.69 2.68 -11.34
CA ALA A 5 22.43 2.34 -9.95
C ALA A 5 23.11 3.39 -9.08
N TRP A 6 23.08 3.20 -7.76
CA TRP A 6 23.65 4.21 -6.89
C TRP A 6 25.07 3.81 -6.45
N SER A 7 25.66 4.68 -5.64
CA SER A 7 27.02 4.47 -5.17
C SER A 7 27.06 3.38 -4.11
N PRO A 8 28.10 2.55 -4.09
CA PRO A 8 28.21 1.56 -3.01
C PRO A 8 28.22 2.18 -1.62
N ALA A 9 28.53 3.48 -1.50
CA ALA A 9 28.32 4.17 -0.22
C ALA A 9 26.86 4.07 0.22
N THR A 10 25.92 4.12 -0.74
CA THR A 10 24.51 3.93 -0.44
C THR A 10 24.19 2.48 -0.11
N ASP A 11 24.75 1.53 -0.89
CA ASP A 11 24.56 0.11 -0.60
C ASP A 11 24.98 -0.25 0.83
N GLU A 12 26.12 0.30 1.28
CA GLU A 12 26.55 0.12 2.67
C GLU A 12 25.54 0.71 3.65
N ARG A 13 25.01 1.90 3.33
CA ARG A 13 24.01 2.52 4.20
C ARG A 13 22.78 1.62 4.36
N LEU A 14 22.38 0.94 3.28
CA LEU A 14 21.17 0.11 3.30
C LEU A 14 21.38 -1.17 4.09
N ARG A 15 22.44 -1.92 3.78
CA ARG A 15 22.67 -3.18 4.48
C ARG A 15 22.99 -2.97 5.96
N ALA A 16 23.55 -1.80 6.29
CA ALA A 16 23.76 -1.43 7.70
C ALA A 16 22.44 -1.33 8.45
N ALA A 17 21.41 -0.74 7.83
CA ALA A 17 20.10 -0.67 8.45
C ALA A 17 19.34 -1.99 8.36
N GLY A 18 19.87 -2.98 7.64
CA GLY A 18 19.19 -4.25 7.53
C GLY A 18 18.13 -4.24 6.45
N ILE A 19 18.40 -3.53 5.35
CA ILE A 19 17.52 -3.44 4.21
C ILE A 19 18.13 -4.24 3.08
N ASP A 20 17.31 -5.03 2.40
CA ASP A 20 17.77 -5.72 1.20
C ASP A 20 18.07 -4.71 0.11
N ALA A 21 19.35 -4.59 -0.29
CA ALA A 21 19.71 -3.51 -1.20
C ALA A 21 19.24 -3.77 -2.62
N GLU A 22 19.28 -5.04 -3.06
CA GLU A 22 18.79 -5.35 -4.40
C GLU A 22 17.29 -5.13 -4.49
N ASP A 23 16.54 -5.47 -3.44
CA ASP A 23 15.11 -5.20 -3.45
C ASP A 23 14.82 -3.70 -3.38
N ALA A 24 15.57 -2.97 -2.55
CA ALA A 24 15.40 -1.52 -2.50
C ALA A 24 15.64 -0.89 -3.86
N ARG A 25 16.63 -1.41 -4.58
CA ARG A 25 16.90 -0.87 -5.91
C ARG A 25 15.74 -1.10 -6.85
N ARG A 26 15.14 -2.30 -6.82
CA ARG A 26 14.01 -2.57 -7.70
C ARG A 26 12.85 -1.67 -7.38
N VAL A 27 12.60 -1.43 -6.08
CA VAL A 27 11.49 -0.56 -5.70
C VAL A 27 11.79 0.88 -6.13
N VAL A 28 13.00 1.36 -5.86
CA VAL A 28 13.31 2.77 -6.13
C VAL A 28 13.29 3.03 -7.64
N VAL A 29 13.97 2.18 -8.42
CA VAL A 29 14.00 2.39 -9.86
C VAL A 29 12.58 2.35 -10.44
N THR A 30 11.76 1.40 -10.00
CA THR A 30 10.40 1.33 -10.50
C THR A 30 9.62 2.59 -10.16
N ALA A 31 9.72 3.05 -8.91
CA ALA A 31 8.91 4.19 -8.49
C ALA A 31 9.31 5.47 -9.23
N LEU A 32 10.61 5.65 -9.47
CA LEU A 32 11.05 6.80 -10.26
C LEU A 32 10.50 6.73 -11.68
N GLU A 33 10.46 5.53 -12.27
CA GLU A 33 9.97 5.39 -13.63
C GLU A 33 8.49 5.69 -13.75
N GLU A 34 7.68 5.32 -12.74
CA GLU A 34 6.27 5.69 -12.75
C GLU A 34 6.11 7.19 -12.95
N ASP A 35 6.99 7.99 -12.35
CA ASP A 35 6.88 9.44 -12.38
C ASP A 35 7.50 10.03 -13.64
N LEU A 36 8.55 9.39 -14.18
CA LEU A 36 9.33 9.99 -15.26
C LEU A 36 8.97 9.47 -16.66
N ARG A 37 8.11 8.46 -16.77
CA ARG A 37 7.91 7.81 -18.05
C ARG A 37 7.21 8.68 -19.07
N TYR A 38 6.52 9.74 -18.63
CA TYR A 38 5.83 10.63 -19.56
C TYR A 38 6.70 11.81 -19.99
N GLY A 39 7.93 11.87 -19.53
CA GLY A 39 8.84 12.95 -19.85
C GLY A 39 9.37 13.60 -18.59
N ALA A 40 10.18 14.62 -18.81
CA ALA A 40 10.85 15.33 -17.72
C ALA A 40 9.83 16.15 -16.92
N ASP A 41 10.27 16.59 -15.73
CA ASP A 41 9.47 17.45 -14.87
C ASP A 41 9.17 18.78 -15.54
N VAL A 42 8.07 18.87 -16.29
CA VAL A 42 7.76 20.09 -17.04
C VAL A 42 7.61 21.28 -16.11
N THR A 43 7.03 21.08 -14.93
CA THR A 43 6.79 22.21 -14.05
C THR A 43 8.09 22.81 -13.55
N SER A 44 8.99 21.96 -13.03
CA SER A 44 10.26 22.47 -12.54
C SER A 44 11.07 23.09 -13.66
N ASP A 45 11.01 22.49 -14.85
CA ASP A 45 11.82 22.97 -15.98
C ASP A 45 11.44 24.40 -16.37
N ALA A 46 10.17 24.78 -16.19
CA ALA A 46 9.75 26.15 -16.52
C ALA A 46 10.00 27.16 -15.42
N THR A 47 10.09 26.73 -14.15
CA THR A 47 9.98 27.65 -13.02
C THR A 47 11.20 27.68 -12.12
N VAL A 48 12.15 26.76 -12.30
CA VAL A 48 13.28 26.62 -11.40
C VAL A 48 14.55 26.60 -12.25
N PRO A 49 15.49 27.52 -12.03
CA PRO A 49 16.74 27.49 -12.80
C PRO A 49 17.50 26.19 -12.63
N ALA A 50 18.08 25.71 -13.74
CA ALA A 50 18.90 24.51 -13.72
C ALA A 50 20.05 24.57 -12.74
N ASP A 51 20.51 25.77 -12.38
CA ASP A 51 21.63 25.97 -11.46
C ASP A 51 21.22 26.09 -10.00
N ALA A 52 19.93 26.17 -9.68
CA ALA A 52 19.53 26.44 -8.31
C ALA A 52 19.92 25.29 -7.40
N VAL A 53 20.29 25.64 -6.17
CA VAL A 53 20.54 24.67 -5.11
C VAL A 53 19.78 25.13 -3.87
N THR A 54 19.11 24.22 -3.18
CA THR A 54 18.47 24.60 -1.93
C THR A 54 18.65 23.51 -0.87
N GLU A 55 18.27 23.89 0.34
CA GLU A 55 18.18 22.99 1.46
C GLU A 55 16.73 22.55 1.61
N ALA A 56 16.56 21.30 2.03
CA ALA A 56 15.24 20.71 2.17
C ALA A 56 15.15 20.04 3.52
N VAL A 57 14.01 20.18 4.16
CA VAL A 57 13.74 19.54 5.42
C VAL A 57 12.57 18.58 5.23
N VAL A 58 12.74 17.34 5.65
CA VAL A 58 11.68 16.35 5.70
C VAL A 58 11.21 16.29 7.14
N ALA A 59 9.95 16.57 7.39
CA ALA A 59 9.44 16.64 8.75
C ALA A 59 8.04 16.04 8.83
N SER A 60 7.69 15.52 10.00
CA SER A 60 6.38 14.90 10.18
C SER A 60 5.39 15.89 10.73
N ARG A 61 4.14 15.72 10.34
CA ARG A 61 3.04 16.53 10.81
C ARG A 61 2.24 15.84 11.90
N GLN A 62 2.25 14.51 11.89
CA GLN A 62 1.64 13.66 12.90
C GLN A 62 2.73 12.98 13.70
N PRO A 63 2.41 12.41 14.86
CA PRO A 63 3.37 11.60 15.59
C PRO A 63 3.35 10.15 15.12
N GLY A 64 4.48 9.48 15.31
CA GLY A 64 4.58 8.08 14.94
C GLY A 64 6.01 7.62 14.91
N VAL A 65 6.23 6.50 14.22
CA VAL A 65 7.55 5.90 14.12
C VAL A 65 8.04 6.05 12.68
N LEU A 66 9.32 6.35 12.54
CA LEU A 66 9.93 6.63 11.25
C LEU A 66 10.58 5.37 10.68
N ALA A 67 10.21 5.02 9.45
CA ALA A 67 10.89 3.95 8.73
C ALA A 67 11.14 4.40 7.31
N GLY A 68 12.21 3.87 6.71
CA GLY A 68 12.50 4.11 5.30
C GLY A 68 13.47 5.23 4.97
N LEU A 69 14.01 5.92 5.98
CA LEU A 69 14.95 7.00 5.71
C LEU A 69 16.14 6.58 4.87
N PRO A 70 16.76 5.42 5.07
CA PRO A 70 17.83 5.03 4.15
C PRO A 70 17.36 4.84 2.72
N VAL A 71 16.15 4.29 2.50
CA VAL A 71 15.63 4.12 1.14
C VAL A 71 15.30 5.48 0.52
N ALA A 72 14.72 6.39 1.30
CA ALA A 72 14.54 7.76 0.82
C ALA A 72 15.88 8.38 0.42
N LEU A 73 16.92 8.15 1.23
CA LEU A 73 18.25 8.65 0.88
C LEU A 73 18.77 8.02 -0.40
N ALA A 74 18.47 6.73 -0.62
CA ALA A 74 18.87 6.08 -1.86
C ALA A 74 18.21 6.73 -3.08
N VAL A 75 16.89 6.96 -3.01
CA VAL A 75 16.20 7.69 -4.07
C VAL A 75 16.99 8.94 -4.43
N LEU A 76 17.35 9.73 -3.41
CA LEU A 76 18.00 11.01 -3.66
C LEU A 76 19.41 10.82 -4.20
N ASP A 77 20.13 9.79 -3.73
CA ASP A 77 21.43 9.51 -4.31
C ASP A 77 21.30 9.19 -5.79
N LEU A 78 20.31 8.39 -6.15
CA LEU A 78 20.17 7.96 -7.53
C LEU A 78 19.85 9.12 -8.47
N VAL A 79 19.04 10.07 -7.99
CA VAL A 79 18.60 11.15 -8.86
C VAL A 79 19.70 12.19 -9.01
N THR A 80 20.41 12.49 -7.93
CA THR A 80 21.50 13.44 -7.97
C THR A 80 22.81 12.82 -8.43
N GLY A 81 22.89 11.50 -8.45
CA GLY A 81 24.16 10.85 -8.74
C GLY A 81 25.22 11.17 -7.73
N GLY A 82 24.87 11.18 -6.44
CA GLY A 82 25.82 11.42 -5.38
C GLY A 82 26.00 12.86 -4.98
N ARG A 83 25.50 13.81 -5.78
CA ARG A 83 25.72 15.23 -5.51
C ARG A 83 24.67 15.76 -4.53
N PHE A 84 24.78 15.31 -3.27
CA PHE A 84 23.98 15.84 -2.17
C PHE A 84 24.82 15.78 -0.90
N GLU A 85 24.46 16.62 0.06
CA GLU A 85 25.15 16.67 1.35
C GLU A 85 24.10 16.68 2.44
N VAL A 86 24.23 15.78 3.43
CA VAL A 86 23.27 15.65 4.53
C VAL A 86 23.79 16.42 5.73
N ALA A 87 22.88 17.14 6.41
CA ALA A 87 23.22 17.89 7.60
C ALA A 87 22.70 17.27 8.89
N GLU A 88 21.53 16.63 8.83
CA GLU A 88 20.85 16.14 10.01
C GLU A 88 20.03 14.93 9.56
N CYS A 89 19.90 13.93 10.44
CA CYS A 89 18.99 12.83 10.18
C CYS A 89 18.69 12.06 11.46
N ARG A 90 17.45 11.61 11.58
CA ARG A 90 17.04 10.64 12.58
C ARG A 90 17.20 9.22 12.03
N ALA A 91 17.11 8.23 12.91
CA ALA A 91 17.27 6.85 12.52
C ALA A 91 15.91 6.16 12.44
N ASP A 92 15.80 5.22 11.52
CA ASP A 92 14.59 4.40 11.47
C ASP A 92 14.39 3.72 12.82
N GLY A 93 13.16 3.79 13.32
CA GLY A 93 12.84 3.32 14.64
C GLY A 93 12.50 4.42 15.62
N ASP A 94 12.98 5.65 15.38
CA ASP A 94 12.77 6.76 16.30
C ASP A 94 11.31 7.22 16.31
N ARG A 95 10.81 7.59 17.49
CA ARG A 95 9.52 8.27 17.57
C ARG A 95 9.65 9.71 17.07
N LEU A 96 8.63 10.18 16.37
CA LEU A 96 8.58 11.54 15.84
C LEU A 96 7.33 12.25 16.33
N GLY A 97 7.47 13.52 16.70
CA GLY A 97 6.32 14.34 16.97
C GLY A 97 6.11 15.29 15.80
N PRO A 98 5.00 16.02 15.80
CA PRO A 98 4.82 17.05 14.76
C PRO A 98 5.98 18.04 14.76
N GLY A 99 6.38 18.47 13.57
CA GLY A 99 7.49 19.38 13.41
C GLY A 99 8.87 18.80 13.60
N ASP A 100 9.00 17.53 14.01
CA ASP A 100 10.32 16.94 14.18
C ASP A 100 10.99 16.72 12.82
N VAL A 101 12.30 16.98 12.77
CA VAL A 101 13.06 16.94 11.53
C VAL A 101 13.70 15.56 11.38
N ALA A 102 13.22 14.78 10.42
CA ALA A 102 13.80 13.48 10.10
C ALA A 102 14.99 13.57 9.16
N LEU A 103 15.04 14.59 8.31
CA LEU A 103 16.12 14.73 7.35
C LEU A 103 16.27 16.20 6.95
N ARG A 104 17.52 16.67 6.91
CA ARG A 104 17.87 17.95 6.32
C ARG A 104 19.01 17.71 5.35
N VAL A 105 18.75 17.95 4.07
CA VAL A 105 19.70 17.62 3.02
C VAL A 105 19.74 18.80 2.06
N THR A 106 20.83 18.88 1.28
CA THR A 106 21.03 19.95 0.33
C THR A 106 21.40 19.33 -1.00
N ALA A 107 20.74 19.79 -2.08
CA ALA A 107 21.06 19.31 -3.43
C ALA A 107 20.55 20.33 -4.45
N ALA A 108 20.70 19.99 -5.74
CA ALA A 108 20.17 20.83 -6.80
C ALA A 108 18.65 20.87 -6.74
N THR A 109 18.07 22.06 -6.92
CA THR A 109 16.65 22.20 -6.66
C THR A 109 15.84 21.32 -7.60
N ARG A 110 16.23 21.25 -8.87
CA ARG A 110 15.48 20.44 -9.83
C ARG A 110 15.48 18.96 -9.47
N GLU A 111 16.58 18.47 -8.91
CA GLU A 111 16.63 17.05 -8.61
C GLU A 111 15.85 16.71 -7.34
N LEU A 112 15.86 17.59 -6.34
CA LEU A 112 14.97 17.41 -5.21
C LEU A 112 13.53 17.36 -5.67
N LEU A 113 13.13 18.30 -6.52
CA LEU A 113 11.76 18.34 -7.02
C LEU A 113 11.40 17.06 -7.78
N VAL A 114 12.38 16.39 -8.41
CA VAL A 114 12.12 15.12 -9.07
C VAL A 114 12.04 13.99 -8.06
N ALA A 115 12.88 14.04 -7.03
CA ALA A 115 12.96 12.92 -6.10
C ALA A 115 11.87 12.95 -5.03
N GLU A 116 11.34 14.14 -4.68
CA GLU A 116 10.64 14.31 -3.39
C GLU A 116 9.42 13.38 -3.26
N ARG A 117 8.57 13.31 -4.29
CA ARG A 117 7.37 12.49 -4.20
C ARG A 117 7.73 11.01 -4.04
N THR A 118 8.73 10.52 -4.77
CA THR A 118 9.14 9.14 -4.59
C THR A 118 9.72 8.91 -3.20
N MET A 119 10.60 9.82 -2.74
CA MET A 119 11.06 9.77 -1.35
C MET A 119 9.91 9.74 -0.36
N LEU A 120 8.94 10.65 -0.51
CA LEU A 120 7.90 10.77 0.50
C LEU A 120 6.92 9.60 0.48
N ASN A 121 6.62 9.05 -0.71
CA ASN A 121 5.67 7.94 -0.77
C ASN A 121 6.23 6.71 -0.05
N LEU A 122 7.49 6.39 -0.30
CA LEU A 122 8.19 5.37 0.48
C LEU A 122 8.17 5.70 1.95
N LEU A 123 8.63 6.90 2.30
CA LEU A 123 8.77 7.29 3.69
C LEU A 123 7.42 7.28 4.40
N CYS A 124 6.41 7.90 3.81
CA CYS A 124 5.10 7.96 4.47
C CYS A 124 4.46 6.60 4.59
N HIS A 125 4.78 5.68 3.68
CA HIS A 125 4.16 4.36 3.76
C HIS A 125 4.86 3.46 4.75
N LEU A 126 6.19 3.38 4.67
CA LEU A 126 6.92 2.55 5.60
C LEU A 126 6.74 3.06 7.03
N SER A 127 6.74 4.38 7.20
CA SER A 127 6.48 4.96 8.52
C SER A 127 5.07 4.62 9.01
N GLY A 128 4.08 4.61 8.11
CA GLY A 128 2.75 4.21 8.54
C GLY A 128 2.73 2.79 9.08
N VAL A 129 3.40 1.87 8.38
CA VAL A 129 3.52 0.49 8.83
C VAL A 129 4.17 0.43 10.20
N ALA A 130 5.34 1.06 10.34
CA ALA A 130 6.00 1.02 11.63
C ALA A 130 5.17 1.71 12.71
N THR A 131 4.51 2.83 12.37
CA THR A 131 3.66 3.50 13.36
C THR A 131 2.54 2.57 13.83
N LEU A 132 1.89 1.87 12.90
CA LEU A 132 0.80 0.99 13.30
C LEU A 132 1.31 -0.21 14.07
N THR A 133 2.39 -0.84 13.61
CA THR A 133 2.99 -1.95 14.35
C THR A 133 3.29 -1.53 15.78
N ALA A 134 3.79 -0.31 15.95
CA ALA A 134 4.14 0.18 17.26
C ALA A 134 2.90 0.37 18.13
N ARG A 135 1.79 0.79 17.52
CA ARG A 135 0.54 0.85 18.28
C ARG A 135 0.17 -0.53 18.81
N TRP A 136 0.27 -1.56 17.96
CA TRP A 136 -0.15 -2.91 18.36
C TRP A 136 0.74 -3.42 19.49
N ASN A 137 2.05 -3.26 19.36
CA ASN A 137 2.96 -3.55 20.46
C ASN A 137 2.49 -2.93 21.76
N ASP A 138 1.99 -1.68 21.72
CA ASP A 138 1.60 -1.00 22.95
C ASP A 138 0.39 -1.67 23.60
N ALA A 139 -0.62 -2.00 22.82
CA ALA A 139 -1.77 -2.72 23.36
C ALA A 139 -1.36 -4.00 24.05
N LEU A 140 -0.15 -4.51 23.76
CA LEU A 140 0.38 -5.73 24.33
C LEU A 140 1.39 -5.50 25.43
N ALA A 141 1.65 -4.24 25.77
CA ALA A 141 2.50 -3.97 26.91
C ALA A 141 1.79 -4.49 28.16
N GLY A 142 2.59 -4.98 29.11
CA GLY A 142 2.06 -5.59 30.30
C GLY A 142 1.90 -7.10 30.22
N THR A 143 1.82 -7.65 29.01
CA THR A 143 1.77 -9.09 28.79
C THR A 143 3.10 -9.56 28.20
N HIS A 144 3.12 -10.81 27.77
CA HIS A 144 4.28 -11.42 27.13
C HIS A 144 4.04 -11.64 25.65
N CYS A 145 2.89 -11.19 25.15
CA CYS A 145 2.47 -11.38 23.77
C CYS A 145 3.20 -10.40 22.83
N LYS A 146 3.64 -10.90 21.69
CA LYS A 146 4.23 -10.10 20.61
C LYS A 146 3.27 -10.04 19.43
N VAL A 147 3.52 -9.11 18.51
CA VAL A 147 2.72 -8.99 17.30
C VAL A 147 3.59 -9.35 16.11
N ARG A 148 3.00 -10.10 15.17
CA ARG A 148 3.67 -10.46 13.94
C ARG A 148 2.82 -10.05 12.75
N ASP A 149 3.51 -9.88 11.63
CA ASP A 149 2.85 -9.56 10.37
C ASP A 149 2.46 -10.85 9.65
N SER A 150 2.48 -10.83 8.32
CA SER A 150 2.00 -11.99 7.57
C SER A 150 2.50 -11.85 6.14
N ARG A 151 1.88 -12.60 5.23
CA ARG A 151 2.15 -12.49 3.82
C ARG A 151 1.18 -11.56 3.13
N LYS A 152 0.27 -10.97 3.88
CA LYS A 152 -0.71 -10.05 3.32
C LYS A 152 -0.07 -8.66 3.18
N THR A 153 0.95 -8.61 2.32
CA THR A 153 1.73 -7.42 2.08
C THR A 153 1.36 -6.86 0.71
N LEU A 154 1.75 -5.63 0.43
CA LEU A 154 1.33 -5.09 -0.85
C LEU A 154 2.28 -5.53 -1.96
N PRO A 155 1.75 -5.82 -3.14
CA PRO A 155 2.61 -6.30 -4.22
C PRO A 155 3.85 -5.42 -4.41
N GLY A 156 5.02 -6.05 -4.35
CA GLY A 156 6.27 -5.36 -4.59
C GLY A 156 6.97 -4.83 -3.36
N LEU A 157 6.29 -4.71 -2.23
CA LEU A 157 6.86 -4.03 -1.07
C LEU A 157 7.00 -4.96 0.11
N ARG A 158 7.22 -6.26 -0.11
CA ARG A 158 7.20 -7.20 1.00
C ARG A 158 8.38 -6.98 1.94
N LEU A 159 9.61 -7.14 1.43
CA LEU A 159 10.77 -7.01 2.30
C LEU A 159 10.82 -5.65 2.99
N LEU A 160 10.47 -4.58 2.25
CA LEU A 160 10.42 -3.26 2.86
C LEU A 160 9.33 -3.16 3.91
N GLU A 161 8.18 -3.82 3.70
CA GLU A 161 7.13 -3.77 4.71
C GLU A 161 7.46 -4.60 5.93
N LYS A 162 8.15 -5.74 5.73
CA LYS A 162 8.66 -6.52 6.84
C LYS A 162 9.70 -5.72 7.64
N TYR A 163 10.62 -5.07 6.95
CA TYR A 163 11.58 -4.18 7.62
C TYR A 163 10.86 -3.12 8.45
N ALA A 164 9.89 -2.43 7.86
CA ALA A 164 9.16 -1.43 8.62
C ALA A 164 8.48 -2.07 9.83
N VAL A 165 8.03 -3.31 9.72
CA VAL A 165 7.37 -3.93 10.87
C VAL A 165 8.38 -4.10 12.00
N ARG A 166 9.62 -4.47 11.66
CA ARG A 166 10.66 -4.62 12.66
C ARG A 166 10.95 -3.29 13.34
N ARG A 167 11.06 -2.22 12.54
CA ARG A 167 11.34 -0.90 13.10
C ARG A 167 10.25 -0.42 14.03
N GLY A 168 9.06 -0.98 13.95
CA GLY A 168 8.00 -0.59 14.83
C GLY A 168 7.85 -1.49 16.02
N GLY A 169 8.74 -2.47 16.16
CA GLY A 169 8.73 -3.35 17.31
C GLY A 169 7.95 -4.62 17.17
N GLY A 170 7.57 -5.02 15.95
CA GLY A 170 6.90 -6.27 15.71
C GLY A 170 7.89 -7.30 15.21
N GLN A 171 7.38 -8.50 14.96
CA GLN A 171 8.20 -9.60 14.46
C GLN A 171 7.68 -10.13 13.13
N ASN A 172 8.60 -10.53 12.28
CA ASN A 172 8.22 -11.02 10.97
C ASN A 172 7.71 -12.46 11.07
N HIS A 173 6.76 -12.77 10.23
CA HIS A 173 6.42 -14.16 9.99
C HIS A 173 7.32 -14.64 8.84
N ARG A 174 7.00 -15.78 8.24
CA ARG A 174 7.77 -16.22 7.09
C ARG A 174 7.69 -15.19 5.97
N LEU A 175 8.67 -15.22 5.08
CA LEU A 175 8.70 -14.31 3.95
C LEU A 175 8.05 -14.88 2.68
N GLY A 176 7.84 -16.18 2.60
CA GLY A 176 7.28 -16.74 1.38
C GLY A 176 6.66 -18.10 1.62
N LEU A 177 6.36 -18.78 0.53
CA LEU A 177 5.79 -20.11 0.60
C LEU A 177 6.82 -21.19 0.91
N GLY A 178 8.10 -20.87 0.78
CA GLY A 178 9.13 -21.89 0.83
C GLY A 178 10.07 -21.83 2.00
N ASP A 179 10.02 -20.76 2.81
CA ASP A 179 10.96 -20.68 3.92
C ASP A 179 10.37 -21.17 5.25
N ALA A 180 9.10 -21.53 5.30
CA ALA A 180 8.51 -22.16 6.48
C ALA A 180 7.17 -22.76 6.10
N ILE A 181 6.74 -23.71 6.92
CA ILE A 181 5.49 -24.42 6.72
C ILE A 181 4.41 -23.72 7.52
N LEU A 182 3.27 -23.46 6.88
CA LEU A 182 2.08 -22.98 7.59
C LEU A 182 0.87 -23.68 6.97
N ILE A 183 0.30 -24.64 7.70
CA ILE A 183 -0.84 -25.42 7.21
C ILE A 183 -2.12 -24.62 7.42
N LYS A 184 -2.86 -24.37 6.33
CA LYS A 184 -3.99 -23.46 6.33
C LYS A 184 -5.30 -24.23 6.20
N ASP A 185 -6.42 -23.49 6.30
CA ASP A 185 -7.74 -24.09 6.14
C ASP A 185 -7.83 -24.88 4.83
N ASN A 186 -7.41 -24.27 3.72
CA ASN A 186 -7.59 -24.87 2.41
C ASN A 186 -6.72 -26.09 2.22
N HIS A 187 -5.57 -26.16 2.92
CA HIS A 187 -4.78 -27.39 2.94
C HIS A 187 -5.57 -28.51 3.58
N ILE A 188 -6.34 -28.20 4.63
CA ILE A 188 -7.16 -29.20 5.30
C ILE A 188 -8.44 -29.49 4.52
N VAL A 189 -8.98 -28.49 3.82
CA VAL A 189 -10.11 -28.72 2.91
C VAL A 189 -9.71 -29.71 1.80
N ALA A 190 -8.64 -29.39 1.07
CA ALA A 190 -8.15 -30.24 -0.01
C ALA A 190 -7.57 -31.57 0.47
N GLY A 191 -7.25 -31.70 1.76
CA GLY A 191 -6.64 -32.92 2.24
C GLY A 191 -7.45 -33.59 3.32
N GLY A 192 -6.80 -34.43 4.12
CA GLY A 192 -7.52 -35.17 5.14
C GLY A 192 -7.94 -34.34 6.34
N SER A 193 -7.15 -34.42 7.40
CA SER A 193 -7.41 -33.70 8.63
C SER A 193 -6.20 -32.84 8.95
N ALA A 194 -6.42 -31.91 9.89
CA ALA A 194 -5.34 -31.08 10.39
C ALA A 194 -4.19 -31.93 10.93
N GLY A 195 -4.51 -33.00 11.66
CA GLY A 195 -3.45 -33.85 12.20
C GLY A 195 -2.65 -34.54 11.11
N ALA A 196 -3.35 -35.20 10.18
CA ALA A 196 -2.69 -35.80 9.03
C ALA A 196 -1.78 -34.80 8.33
N ALA A 197 -2.28 -33.57 8.13
CA ALA A 197 -1.49 -32.56 7.42
C ALA A 197 -0.21 -32.21 8.17
N LEU A 198 -0.30 -32.05 9.49
CA LEU A 198 0.89 -31.69 10.27
C LEU A 198 1.95 -32.79 10.21
N GLN A 199 1.52 -34.05 10.40
CA GLN A 199 2.41 -35.19 10.20
C GLN A 199 3.02 -35.23 8.79
N ALA A 200 2.24 -34.82 7.77
CA ALA A 200 2.74 -34.89 6.40
C ALA A 200 3.83 -33.86 6.15
N ALA A 201 3.65 -32.64 6.65
CA ALA A 201 4.67 -31.61 6.47
C ALA A 201 5.92 -31.92 7.29
N ARG A 202 5.75 -32.38 8.53
CA ARG A 202 6.92 -32.77 9.32
C ARG A 202 7.73 -33.84 8.60
N ALA A 203 7.05 -34.87 8.09
CA ALA A 203 7.76 -35.94 7.39
C ALA A 203 8.41 -35.42 6.11
N HIS A 204 7.69 -34.61 5.34
CA HIS A 204 8.16 -34.23 4.01
C HIS A 204 9.29 -33.20 4.07
N THR A 205 9.23 -32.26 5.01
CA THR A 205 10.24 -31.20 5.11
C THR A 205 10.57 -30.99 6.58
N PRO A 206 11.49 -31.78 7.12
CA PRO A 206 11.73 -31.73 8.57
C PRO A 206 12.63 -30.59 9.02
N GLY A 207 13.32 -29.94 8.08
CA GLY A 207 14.20 -28.85 8.46
C GLY A 207 13.45 -27.59 8.82
N LEU A 208 12.48 -27.23 7.96
CA LEU A 208 11.79 -25.96 8.07
C LEU A 208 10.95 -25.88 9.35
N PRO A 209 10.82 -24.68 9.91
CA PRO A 209 9.90 -24.50 11.03
C PRO A 209 8.46 -24.69 10.57
N CYS A 210 7.60 -25.01 11.51
CA CYS A 210 6.31 -25.56 11.14
C CYS A 210 5.21 -25.05 12.06
N GLU A 211 4.12 -24.58 11.46
CA GLU A 211 2.97 -24.07 12.19
C GLU A 211 1.68 -24.52 11.50
N VAL A 212 0.67 -24.86 12.29
CA VAL A 212 -0.60 -25.33 11.77
C VAL A 212 -1.71 -24.41 12.26
N GLU A 213 -2.66 -24.14 11.39
CA GLU A 213 -3.71 -23.17 11.65
C GLU A 213 -5.01 -23.93 11.87
N VAL A 214 -5.62 -23.75 13.04
CA VAL A 214 -6.84 -24.49 13.39
C VAL A 214 -8.00 -23.51 13.48
N THR A 215 -9.19 -24.00 13.12
CA THR A 215 -10.42 -23.23 13.20
C THR A 215 -11.40 -23.73 14.25
N THR A 216 -11.12 -24.85 14.91
CA THR A 216 -11.98 -25.33 15.99
C THR A 216 -11.12 -25.83 17.13
N LEU A 217 -11.78 -26.12 18.26
CA LEU A 217 -11.08 -26.70 19.40
C LEU A 217 -10.83 -28.19 19.18
N ALA A 218 -11.70 -28.86 18.43
CA ALA A 218 -11.48 -30.25 18.06
C ALA A 218 -10.16 -30.41 17.28
N GLU A 219 -9.96 -29.60 16.24
CA GLU A 219 -8.68 -29.59 15.53
C GLU A 219 -7.54 -29.28 16.47
N LEU A 220 -7.70 -28.27 17.34
CA LEU A 220 -6.64 -27.94 18.29
C LEU A 220 -6.23 -29.15 19.10
N ASP A 221 -7.19 -30.02 19.41
CA ASP A 221 -6.91 -31.20 20.23
C ASP A 221 -5.97 -32.16 19.52
N GLU A 222 -6.23 -32.42 18.24
CA GLU A 222 -5.36 -33.29 17.45
C GLU A 222 -3.92 -32.78 17.45
N VAL A 223 -3.73 -31.53 17.02
CA VAL A 223 -2.37 -31.05 16.84
C VAL A 223 -1.65 -30.95 18.18
N LEU A 224 -2.40 -30.75 19.27
CA LEU A 224 -1.79 -30.83 20.59
C LEU A 224 -1.39 -32.27 20.92
N ALA A 225 -2.28 -33.24 20.61
CA ALA A 225 -1.93 -34.64 20.79
C ALA A 225 -0.68 -35.00 19.99
N LEU A 226 -0.54 -34.42 18.80
CA LEU A 226 0.63 -34.68 17.97
C LEU A 226 1.85 -33.88 18.39
N GLY A 227 1.74 -33.09 19.45
CA GLY A 227 2.84 -32.24 19.90
C GLY A 227 3.29 -31.19 18.90
N ALA A 228 2.36 -30.34 18.45
CA ALA A 228 2.67 -29.33 17.45
C ALA A 228 3.57 -28.25 18.02
N ASP A 229 4.51 -27.79 17.19
CA ASP A 229 5.49 -26.83 17.67
C ASP A 229 4.86 -25.44 17.87
N GLU A 230 3.98 -25.04 16.95
CA GLU A 230 3.35 -23.73 16.98
C GLU A 230 1.97 -23.88 16.37
N VAL A 231 0.95 -23.31 16.99
CA VAL A 231 -0.42 -23.45 16.49
C VAL A 231 -1.00 -22.06 16.31
N MET A 232 -1.71 -21.88 15.20
CA MET A 232 -2.39 -20.63 14.90
C MET A 232 -3.89 -20.83 15.07
N LEU A 233 -4.51 -20.02 15.94
CA LEU A 233 -5.94 -20.05 16.19
C LEU A 233 -6.64 -19.06 15.26
N ASP A 234 -7.51 -19.56 14.40
CA ASP A 234 -8.09 -18.75 13.32
C ASP A 234 -9.50 -18.33 13.69
N ASN A 235 -9.70 -17.02 13.89
CA ASN A 235 -10.99 -16.47 14.30
C ASN A 235 -11.52 -17.15 15.54
N PHE A 236 -10.68 -17.26 16.54
CA PHE A 236 -11.14 -17.60 17.87
C PHE A 236 -11.65 -16.34 18.57
N THR A 237 -12.73 -16.48 19.33
CA THR A 237 -13.17 -15.43 20.24
C THR A 237 -12.21 -15.36 21.43
N VAL A 238 -12.35 -14.30 22.23
CA VAL A 238 -11.48 -14.15 23.40
C VAL A 238 -11.72 -15.29 24.38
N GLU A 239 -12.96 -15.76 24.50
CA GLU A 239 -13.24 -16.92 25.35
C GLU A 239 -12.64 -18.19 24.77
N GLN A 240 -12.79 -18.38 23.46
CA GLN A 240 -12.21 -19.54 22.79
C GLN A 240 -10.70 -19.60 22.98
N CYS A 241 -10.02 -18.46 22.90
CA CYS A 241 -8.59 -18.45 23.16
C CYS A 241 -8.27 -18.82 24.59
N VAL A 242 -9.09 -18.38 25.54
CA VAL A 242 -8.86 -18.73 26.95
C VAL A 242 -8.97 -20.25 27.11
N GLU A 243 -9.94 -20.85 26.43
CA GLU A 243 -10.02 -22.31 26.43
C GLU A 243 -8.80 -22.93 25.77
N ALA A 244 -8.40 -22.40 24.61
CA ALA A 244 -7.24 -22.92 23.92
C ALA A 244 -5.99 -22.83 24.78
N VAL A 245 -5.87 -21.78 25.59
CA VAL A 245 -4.71 -21.67 26.45
C VAL A 245 -4.81 -22.66 27.60
N ARG A 246 -6.03 -22.97 28.06
CA ARG A 246 -6.19 -23.99 29.08
C ARG A 246 -5.71 -25.33 28.54
N ARG A 247 -6.25 -25.76 27.39
CA ARG A 247 -5.90 -27.05 26.79
C ARG A 247 -4.42 -27.15 26.46
N ARG A 248 -3.80 -26.05 26.05
CA ARG A 248 -2.37 -26.05 25.77
C ARG A 248 -1.57 -26.25 27.04
N ASP A 249 -1.91 -25.52 28.10
CA ASP A 249 -1.13 -25.56 29.34
C ASP A 249 -1.19 -26.93 29.99
N ALA A 250 -2.25 -27.70 29.72
CA ALA A 250 -2.44 -29.03 30.28
C ALA A 250 -1.67 -30.10 29.52
N ALA A 251 -1.36 -29.87 28.24
CA ALA A 251 -0.64 -30.86 27.45
C ALA A 251 0.83 -30.50 27.37
N ARG A 252 1.24 -29.98 26.22
CA ARG A 252 2.62 -29.59 25.96
C ARG A 252 2.73 -28.06 26.12
N THR A 253 3.23 -27.60 27.28
CA THR A 253 3.39 -26.16 27.50
C THR A 253 4.40 -25.58 26.50
N ARG A 254 5.00 -26.44 25.67
CA ARG A 254 5.98 -26.06 24.67
C ARG A 254 5.34 -25.72 23.32
N THR A 255 4.03 -25.47 23.28
CA THR A 255 3.31 -25.14 22.05
C THR A 255 2.96 -23.65 22.07
N ARG A 256 3.49 -22.90 21.10
CA ARG A 256 3.12 -21.50 20.98
C ARG A 256 1.77 -21.39 20.26
N LEU A 257 0.88 -20.62 20.84
CA LEU A 257 -0.42 -20.32 20.26
C LEU A 257 -0.35 -18.94 19.63
N GLU A 258 -0.80 -18.84 18.39
CA GLU A 258 -0.81 -17.58 17.67
C GLU A 258 -2.24 -17.30 17.24
N ALA A 259 -2.76 -16.13 17.62
CA ALA A 259 -4.11 -15.81 17.20
C ALA A 259 -4.07 -15.00 15.92
N SER A 260 -5.01 -15.28 15.03
CA SER A 260 -5.07 -14.56 13.77
C SER A 260 -6.48 -14.63 13.23
N GLY A 261 -6.89 -13.56 12.57
CA GLY A 261 -8.24 -13.47 12.06
C GLY A 261 -9.19 -12.86 13.06
N GLY A 262 -9.87 -11.81 12.62
CA GLY A 262 -10.86 -11.17 13.48
C GLY A 262 -10.25 -10.35 14.59
N LEU A 263 -9.03 -9.83 14.38
CA LEU A 263 -8.35 -9.05 15.39
C LEU A 263 -8.41 -7.58 15.00
N THR A 264 -8.68 -6.73 16.01
CA THR A 264 -8.65 -5.28 15.86
C THR A 264 -7.94 -4.67 17.06
N LEU A 265 -7.42 -3.46 16.85
CA LEU A 265 -6.58 -2.84 17.86
C LEU A 265 -7.28 -2.72 19.21
N ASP A 266 -8.59 -2.50 19.23
CA ASP A 266 -9.31 -2.37 20.50
C ASP A 266 -9.28 -3.68 21.30
N VAL A 267 -9.60 -4.80 20.65
CA VAL A 267 -9.60 -6.09 21.35
C VAL A 267 -8.22 -6.72 21.48
N ALA A 268 -7.17 -6.02 21.04
CA ALA A 268 -5.83 -6.59 21.12
C ALA A 268 -5.45 -6.88 22.56
N ALA A 269 -5.85 -6.00 23.49
CA ALA A 269 -5.47 -6.18 24.88
C ALA A 269 -6.13 -7.42 25.48
N ALA A 270 -7.44 -7.58 25.23
CA ALA A 270 -8.14 -8.76 25.71
C ALA A 270 -7.44 -10.05 25.27
N TYR A 271 -7.09 -10.14 23.98
CA TYR A 271 -6.46 -11.36 23.48
C TYR A 271 -5.12 -11.60 24.16
N ALA A 272 -4.27 -10.57 24.23
CA ALA A 272 -2.98 -10.74 24.89
C ALA A 272 -3.14 -11.30 26.29
N ARG A 273 -4.22 -10.91 26.98
CA ARG A 273 -4.45 -11.33 28.36
C ARG A 273 -4.84 -12.80 28.46
N THR A 274 -5.41 -13.38 27.38
CA THR A 274 -5.75 -14.80 27.40
C THR A 274 -4.54 -15.70 27.59
N GLY A 275 -3.32 -15.19 27.44
CA GLY A 275 -2.12 -16.01 27.53
C GLY A 275 -1.64 -16.62 26.22
N VAL A 276 -2.28 -16.30 25.08
CA VAL A 276 -1.68 -16.64 23.80
C VAL A 276 -0.37 -15.87 23.67
N ASP A 277 0.54 -16.42 22.87
CA ASP A 277 1.90 -15.89 22.79
C ASP A 277 2.08 -14.85 21.69
N LEU A 278 1.28 -14.90 20.62
CA LEU A 278 1.52 -14.10 19.43
C LEU A 278 0.20 -13.65 18.84
N LEU A 279 0.18 -12.44 18.30
CA LEU A 279 -0.89 -12.00 17.42
C LEU A 279 -0.33 -11.83 16.01
N ALA A 280 -0.99 -12.41 15.03
CA ALA A 280 -0.61 -12.24 13.63
C ALA A 280 -1.61 -11.29 12.99
N VAL A 281 -1.14 -10.14 12.52
CA VAL A 281 -2.00 -9.06 12.09
C VAL A 281 -1.65 -8.70 10.65
N GLY A 282 -2.56 -8.99 9.74
CA GLY A 282 -2.37 -8.58 8.35
C GLY A 282 -2.48 -7.08 8.19
N ALA A 283 -3.37 -6.45 8.98
CA ALA A 283 -3.55 -4.99 8.91
C ALA A 283 -2.24 -4.23 9.03
N LEU A 284 -1.22 -4.83 9.65
CA LEU A 284 0.07 -4.16 9.76
C LEU A 284 0.59 -3.72 8.41
N THR A 285 0.36 -4.53 7.38
CA THR A 285 0.95 -4.26 6.09
C THR A 285 -0.06 -4.04 4.97
N HIS A 286 -1.35 -4.36 5.15
CA HIS A 286 -2.34 -4.15 4.09
C HIS A 286 -3.29 -3.01 4.36
N SER A 287 -3.38 -2.53 5.60
CA SER A 287 -4.23 -1.41 5.94
C SER A 287 -3.52 -0.46 6.89
N ALA A 288 -2.25 -0.17 6.62
CA ALA A 288 -1.50 0.75 7.48
C ALA A 288 -1.72 2.15 6.96
N PRO A 289 -2.41 3.01 7.69
CA PRO A 289 -2.56 4.40 7.23
C PRO A 289 -1.21 5.08 7.23
N ALA A 290 -1.00 5.92 6.22
CA ALA A 290 0.31 6.54 6.00
C ALA A 290 0.57 7.61 7.05
N LEU A 291 1.84 7.78 7.39
CA LEU A 291 2.25 8.86 8.27
C LEU A 291 2.47 10.13 7.45
N ASP A 292 1.98 11.25 7.96
CA ASP A 292 2.09 12.52 7.24
C ASP A 292 3.49 13.09 7.41
N LEU A 293 4.30 12.97 6.37
CA LEU A 293 5.59 13.64 6.29
C LEU A 293 5.65 14.46 5.01
N GLY A 294 6.31 15.62 5.09
CA GLY A 294 6.42 16.52 3.95
C GLY A 294 7.84 16.98 3.78
N LEU A 295 8.12 17.55 2.61
CA LEU A 295 9.45 18.04 2.29
C LEU A 295 9.31 19.52 1.97
N ASP A 296 9.97 20.36 2.76
CA ASP A 296 9.91 21.81 2.60
C ASP A 296 11.29 22.37 2.27
N PHE A 297 11.32 23.39 1.41
CA PHE A 297 12.55 24.08 1.04
C PHE A 297 12.82 25.24 1.99
N ALA A 298 14.11 25.59 2.12
CA ALA A 298 14.56 26.81 2.77
C ALA A 298 13.87 28.07 2.19
N ALA B 3 5.84 -19.47 -14.93
CA ALA B 3 5.70 -19.29 -16.38
C ALA B 3 6.28 -17.96 -16.92
N GLU B 4 6.28 -17.83 -18.26
CA GLU B 4 6.99 -16.74 -18.95
C GLU B 4 6.10 -15.50 -19.08
N ALA B 5 5.12 -15.57 -19.97
CA ALA B 5 4.05 -14.58 -20.12
C ALA B 5 2.71 -15.28 -19.93
N TRP B 6 1.63 -14.57 -20.19
CA TRP B 6 0.30 -15.17 -20.12
C TRP B 6 -0.33 -15.25 -21.49
N SER B 7 -1.45 -15.97 -21.54
CA SER B 7 -2.16 -16.17 -22.79
C SER B 7 -2.56 -14.82 -23.37
N PRO B 8 -2.67 -14.72 -24.69
CA PRO B 8 -3.18 -13.48 -25.27
C PRO B 8 -4.61 -13.21 -24.88
N ALA B 9 -5.32 -14.22 -24.38
CA ALA B 9 -6.68 -14.01 -23.90
C ALA B 9 -6.69 -13.12 -22.66
N THR B 10 -5.87 -13.43 -21.64
CA THR B 10 -5.77 -12.50 -20.53
C THR B 10 -5.08 -11.22 -20.96
N ASP B 11 -4.12 -11.30 -21.89
CA ASP B 11 -3.53 -10.06 -22.40
C ASP B 11 -4.61 -9.11 -22.91
N GLU B 12 -5.65 -9.65 -23.55
CA GLU B 12 -6.68 -8.77 -24.08
C GLU B 12 -7.83 -8.54 -23.10
N ARG B 13 -8.06 -9.43 -22.13
CA ARG B 13 -9.03 -9.11 -21.09
C ARG B 13 -8.57 -7.93 -20.25
N LEU B 14 -7.25 -7.77 -20.09
CA LEU B 14 -6.72 -6.61 -19.39
C LEU B 14 -6.95 -5.34 -20.18
N ARG B 15 -6.64 -5.39 -21.48
CA ARG B 15 -6.85 -4.23 -22.33
C ARG B 15 -8.32 -3.85 -22.40
N ALA B 16 -9.20 -4.85 -22.37
CA ALA B 16 -10.63 -4.57 -22.35
C ALA B 16 -11.04 -3.85 -21.07
N ALA B 17 -10.26 -3.97 -20.01
CA ALA B 17 -10.57 -3.29 -18.77
C ALA B 17 -9.96 -1.89 -18.70
N GLY B 18 -9.05 -1.56 -19.60
CA GLY B 18 -8.30 -0.32 -19.49
C GLY B 18 -7.13 -0.41 -18.53
N ILE B 19 -6.62 -1.62 -18.34
CA ILE B 19 -5.48 -1.90 -17.47
C ILE B 19 -4.24 -1.95 -18.35
N ASP B 20 -3.22 -1.17 -17.97
CA ASP B 20 -1.93 -1.25 -18.68
C ASP B 20 -1.36 -2.66 -18.52
N ALA B 21 -1.36 -3.44 -19.61
CA ALA B 21 -1.06 -4.86 -19.47
C ALA B 21 0.42 -5.11 -19.22
N GLU B 22 1.29 -4.31 -19.83
CA GLU B 22 2.70 -4.42 -19.53
C GLU B 22 2.98 -4.14 -18.06
N ASP B 23 2.40 -3.05 -17.53
CA ASP B 23 2.59 -2.73 -16.11
C ASP B 23 2.03 -3.83 -15.22
N ALA B 24 0.90 -4.41 -15.59
CA ALA B 24 0.36 -5.51 -14.81
C ALA B 24 1.33 -6.68 -14.78
N ARG B 25 1.98 -6.97 -15.91
CA ARG B 25 2.91 -8.09 -15.93
C ARG B 25 4.03 -7.90 -14.91
N ARG B 26 4.57 -6.68 -14.82
CA ARG B 26 5.63 -6.41 -13.86
C ARG B 26 5.13 -6.59 -12.42
N VAL B 27 3.97 -6.01 -12.11
CA VAL B 27 3.44 -6.16 -10.77
C VAL B 27 3.24 -7.64 -10.44
N VAL B 28 2.56 -8.37 -11.34
CA VAL B 28 2.20 -9.76 -11.07
C VAL B 28 3.45 -10.63 -10.93
N VAL B 29 4.39 -10.51 -11.86
CA VAL B 29 5.58 -11.33 -11.81
C VAL B 29 6.44 -10.99 -10.60
N THR B 30 6.59 -9.70 -10.29
CA THR B 30 7.29 -9.30 -9.05
C THR B 30 6.63 -9.93 -7.83
N ALA B 31 5.30 -9.85 -7.73
CA ALA B 31 4.59 -10.33 -6.54
C ALA B 31 4.73 -11.84 -6.39
N LEU B 32 4.66 -12.57 -7.51
CA LEU B 32 4.92 -14.01 -7.46
C LEU B 32 6.36 -14.31 -7.04
N GLU B 33 7.35 -13.59 -7.60
CA GLU B 33 8.73 -13.84 -7.20
C GLU B 33 8.93 -13.57 -5.71
N GLU B 34 8.25 -12.55 -5.16
CA GLU B 34 8.29 -12.34 -3.71
C GLU B 34 7.95 -13.61 -2.95
N ASP B 35 6.95 -14.35 -3.42
CA ASP B 35 6.45 -15.48 -2.68
C ASP B 35 7.21 -16.78 -2.95
N LEU B 36 7.86 -16.93 -4.12
CA LEU B 36 8.52 -18.18 -4.48
C LEU B 36 10.04 -18.14 -4.44
N ARG B 37 10.64 -17.00 -4.14
CA ARG B 37 12.10 -16.93 -4.16
C ARG B 37 12.76 -17.71 -3.05
N TYR B 38 11.99 -18.38 -2.19
CA TYR B 38 12.53 -19.10 -1.04
C TYR B 38 12.41 -20.61 -1.18
N GLY B 39 11.78 -21.08 -2.23
CA GLY B 39 11.42 -22.49 -2.30
C GLY B 39 10.17 -22.67 -3.14
N ALA B 40 9.45 -23.76 -2.87
CA ALA B 40 8.50 -24.25 -3.85
C ALA B 40 7.09 -24.42 -3.31
N ASP B 41 6.86 -24.07 -2.05
CA ASP B 41 5.59 -24.26 -1.34
C ASP B 41 5.56 -25.67 -0.78
N VAL B 42 6.47 -25.89 0.17
CA VAL B 42 6.61 -27.16 0.86
C VAL B 42 5.26 -27.62 1.43
N THR B 43 4.50 -26.69 2.01
CA THR B 43 3.26 -27.07 2.69
C THR B 43 2.29 -27.77 1.75
N SER B 44 1.98 -27.15 0.60
CA SER B 44 1.07 -27.77 -0.35
C SER B 44 1.65 -29.05 -0.93
N ASP B 45 2.95 -29.06 -1.23
CA ASP B 45 3.57 -30.26 -1.79
C ASP B 45 3.54 -31.43 -0.81
N ALA B 46 3.37 -31.18 0.48
CA ALA B 46 3.27 -32.28 1.43
C ALA B 46 1.84 -32.76 1.65
N THR B 47 0.84 -31.91 1.42
CA THR B 47 -0.51 -32.15 1.93
C THR B 47 -1.58 -32.22 0.87
N VAL B 48 -1.29 -31.78 -0.35
CA VAL B 48 -2.26 -31.78 -1.45
C VAL B 48 -1.77 -32.72 -2.51
N PRO B 49 -2.62 -33.64 -3.01
CA PRO B 49 -2.22 -34.53 -4.12
C PRO B 49 -1.78 -33.76 -5.36
N ALA B 50 -0.75 -34.28 -6.05
CA ALA B 50 -0.19 -33.56 -7.19
C ALA B 50 -1.13 -33.47 -8.37
N ASP B 51 -2.24 -34.21 -8.35
CA ASP B 51 -3.25 -34.23 -9.41
C ASP B 51 -4.61 -33.72 -8.94
N ALA B 52 -4.73 -33.25 -7.71
CA ALA B 52 -5.99 -32.70 -7.24
C ALA B 52 -6.42 -31.53 -8.11
N VAL B 53 -7.72 -31.40 -8.27
CA VAL B 53 -8.33 -30.27 -8.94
C VAL B 53 -9.50 -29.85 -8.10
N THR B 54 -9.61 -28.55 -7.82
CA THR B 54 -10.66 -28.01 -6.95
C THR B 54 -11.31 -26.80 -7.59
N GLU B 55 -12.55 -26.57 -7.17
CA GLU B 55 -13.24 -25.31 -7.42
C GLU B 55 -12.98 -24.36 -6.25
N ALA B 56 -12.78 -23.09 -6.58
CA ALA B 56 -12.45 -22.04 -5.62
C ALA B 56 -13.41 -20.89 -5.80
N VAL B 57 -13.87 -20.30 -4.70
CA VAL B 57 -14.73 -19.13 -4.75
C VAL B 57 -14.04 -17.97 -4.05
N VAL B 58 -13.94 -16.84 -4.74
CA VAL B 58 -13.57 -15.56 -4.13
C VAL B 58 -14.84 -14.81 -3.74
N ALA B 59 -15.03 -14.55 -2.45
CA ALA B 59 -16.18 -13.78 -2.00
C ALA B 59 -15.73 -12.79 -0.93
N SER B 60 -16.46 -11.68 -0.80
CA SER B 60 -16.05 -10.66 0.15
C SER B 60 -16.79 -10.84 1.47
N ARG B 61 -16.07 -10.64 2.56
CA ARG B 61 -16.65 -10.64 3.88
C ARG B 61 -17.27 -9.30 4.25
N GLN B 62 -16.94 -8.23 3.55
CA GLN B 62 -17.47 -6.91 3.88
C GLN B 62 -17.93 -6.21 2.61
N PRO B 63 -18.73 -5.14 2.73
CA PRO B 63 -19.28 -4.48 1.53
C PRO B 63 -18.34 -3.46 0.92
N GLY B 64 -18.29 -3.45 -0.41
CA GLY B 64 -17.45 -2.48 -1.09
C GLY B 64 -17.57 -2.60 -2.58
N VAL B 65 -16.64 -1.96 -3.26
CA VAL B 65 -16.54 -2.01 -4.72
C VAL B 65 -15.40 -2.93 -5.10
N LEU B 66 -15.63 -3.78 -6.09
CA LEU B 66 -14.63 -4.75 -6.50
C LEU B 66 -13.72 -4.14 -7.56
N ALA B 67 -12.41 -4.37 -7.42
CA ALA B 67 -11.47 -3.94 -8.44
C ALA B 67 -10.28 -4.88 -8.47
N GLY B 68 -9.74 -5.09 -9.68
CA GLY B 68 -8.54 -5.89 -9.88
C GLY B 68 -8.78 -7.32 -10.31
N LEU B 69 -10.03 -7.74 -10.44
CA LEU B 69 -10.32 -9.10 -10.85
C LEU B 69 -9.63 -9.53 -12.14
N PRO B 70 -9.54 -8.70 -13.19
CA PRO B 70 -8.73 -9.11 -14.35
C PRO B 70 -7.27 -9.35 -14.00
N VAL B 71 -6.74 -8.61 -13.01
CA VAL B 71 -5.35 -8.83 -12.60
C VAL B 71 -5.23 -10.13 -11.81
N ALA B 72 -6.15 -10.36 -10.86
CA ALA B 72 -6.15 -11.63 -10.13
C ALA B 72 -6.26 -12.80 -11.10
N LEU B 73 -7.05 -12.66 -12.17
CA LEU B 73 -7.16 -13.73 -13.15
C LEU B 73 -5.84 -13.96 -13.87
N ALA B 74 -5.14 -12.88 -14.21
CA ALA B 74 -3.85 -13.01 -14.87
C ALA B 74 -2.83 -13.70 -13.97
N VAL B 75 -2.92 -13.51 -12.65
CA VAL B 75 -2.06 -14.29 -11.76
C VAL B 75 -2.37 -15.77 -11.94
N LEU B 76 -3.66 -16.12 -11.87
CA LEU B 76 -4.03 -17.51 -12.00
C LEU B 76 -3.54 -18.09 -13.32
N ASP B 77 -3.74 -17.34 -14.43
CA ASP B 77 -3.21 -17.77 -15.72
C ASP B 77 -1.73 -18.10 -15.66
N LEU B 78 -0.89 -17.18 -15.21
CA LEU B 78 0.55 -17.43 -15.15
C LEU B 78 0.86 -18.70 -14.39
N VAL B 79 0.22 -18.89 -13.24
CA VAL B 79 0.62 -20.00 -12.40
C VAL B 79 0.17 -21.33 -13.01
N THR B 80 -0.99 -21.35 -13.68
CA THR B 80 -1.53 -22.57 -14.28
C THR B 80 -1.08 -22.77 -15.71
N GLY B 81 -0.46 -21.77 -16.33
CA GLY B 81 -0.19 -21.84 -17.75
C GLY B 81 -1.42 -21.83 -18.62
N GLY B 82 -2.49 -21.18 -18.18
CA GLY B 82 -3.74 -21.16 -18.91
C GLY B 82 -4.67 -22.32 -18.62
N ARG B 83 -4.24 -23.28 -17.80
CA ARG B 83 -5.05 -24.48 -17.49
C ARG B 83 -5.97 -24.19 -16.31
N PHE B 84 -6.99 -23.35 -16.56
CA PHE B 84 -8.03 -23.03 -15.59
C PHE B 84 -9.31 -22.70 -16.33
N GLU B 85 -10.44 -22.69 -15.60
CA GLU B 85 -11.71 -22.35 -16.21
C GLU B 85 -12.60 -21.62 -15.23
N VAL B 86 -13.29 -20.60 -15.74
CA VAL B 86 -14.09 -19.68 -14.92
C VAL B 86 -15.55 -20.04 -15.08
N ALA B 87 -16.21 -20.29 -13.96
CA ALA B 87 -17.66 -20.54 -13.91
C ALA B 87 -18.47 -19.25 -13.82
N GLU B 88 -17.94 -18.25 -13.12
CA GLU B 88 -18.66 -17.00 -12.87
C GLU B 88 -17.64 -15.94 -12.50
N CYS B 89 -17.92 -14.70 -12.89
CA CYS B 89 -17.07 -13.57 -12.50
C CYS B 89 -17.90 -12.30 -12.53
N ARG B 90 -17.77 -11.47 -11.50
CA ARG B 90 -18.36 -10.14 -11.51
C ARG B 90 -17.40 -9.15 -12.17
N ALA B 91 -17.88 -7.94 -12.42
CA ALA B 91 -17.09 -6.95 -13.15
C ALA B 91 -16.50 -5.95 -12.17
N ASP B 92 -15.26 -5.54 -12.43
CA ASP B 92 -14.69 -4.44 -11.68
C ASP B 92 -15.63 -3.24 -11.75
N GLY B 93 -15.98 -2.73 -10.59
CA GLY B 93 -16.96 -1.67 -10.48
C GLY B 93 -18.23 -2.09 -9.79
N ASP B 94 -18.55 -3.38 -9.79
CA ASP B 94 -19.77 -3.84 -9.15
C ASP B 94 -19.66 -3.63 -7.65
N ARG B 95 -20.75 -3.21 -7.02
CA ARG B 95 -20.80 -3.24 -5.57
C ARG B 95 -21.04 -4.67 -5.10
N LEU B 96 -20.31 -5.08 -4.07
CA LEU B 96 -20.51 -6.38 -3.45
C LEU B 96 -20.92 -6.18 -2.00
N GLY B 97 -21.60 -7.19 -1.47
CA GLY B 97 -21.88 -7.27 -0.06
C GLY B 97 -21.29 -8.52 0.52
N PRO B 98 -21.37 -8.65 1.85
CA PRO B 98 -20.99 -9.92 2.49
C PRO B 98 -21.54 -11.12 1.76
N GLY B 99 -20.71 -12.16 1.65
CA GLY B 99 -21.07 -13.35 0.93
C GLY B 99 -21.12 -13.25 -0.58
N ASP B 100 -21.09 -12.05 -1.16
CA ASP B 100 -21.16 -11.94 -2.62
C ASP B 100 -19.92 -12.54 -3.28
N VAL B 101 -20.17 -13.40 -4.27
CA VAL B 101 -19.13 -14.13 -4.99
C VAL B 101 -18.63 -13.27 -6.14
N ALA B 102 -17.35 -12.89 -6.10
CA ALA B 102 -16.77 -12.14 -7.21
C ALA B 102 -16.22 -13.05 -8.31
N LEU B 103 -15.91 -14.31 -8.01
CA LEU B 103 -15.31 -15.22 -8.99
C LEU B 103 -15.46 -16.65 -8.52
N ARG B 104 -15.67 -17.55 -9.48
CA ARG B 104 -15.61 -18.98 -9.25
C ARG B 104 -14.70 -19.58 -10.32
N VAL B 105 -13.57 -20.14 -9.91
CA VAL B 105 -12.64 -20.77 -10.84
C VAL B 105 -12.44 -22.22 -10.44
N THR B 106 -11.97 -22.98 -11.42
CA THR B 106 -11.56 -24.36 -11.22
C THR B 106 -10.16 -24.47 -11.81
N ALA B 107 -9.20 -24.92 -11.00
CA ALA B 107 -7.85 -25.19 -11.47
C ALA B 107 -7.24 -26.26 -10.57
N ALA B 108 -6.00 -26.65 -10.88
CA ALA B 108 -5.32 -27.64 -10.06
C ALA B 108 -5.06 -27.09 -8.66
N THR B 109 -5.37 -27.89 -7.62
CA THR B 109 -5.38 -27.38 -6.26
C THR B 109 -4.02 -26.78 -5.87
N ARG B 110 -2.93 -27.41 -6.29
CA ARG B 110 -1.62 -26.88 -5.93
C ARG B 110 -1.36 -25.54 -6.59
N GLU B 111 -1.79 -25.39 -7.84
CA GLU B 111 -1.58 -24.11 -8.51
C GLU B 111 -2.44 -23.02 -7.87
N LEU B 112 -3.66 -23.35 -7.46
CA LEU B 112 -4.48 -22.38 -6.77
C LEU B 112 -3.84 -21.91 -5.47
N LEU B 113 -3.13 -22.80 -4.77
CA LEU B 113 -2.59 -22.43 -3.45
C LEU B 113 -1.37 -21.52 -3.59
N VAL B 114 -0.63 -21.66 -4.68
CA VAL B 114 0.49 -20.76 -4.94
C VAL B 114 -0.01 -19.39 -5.38
N ALA B 115 -1.13 -19.36 -6.09
CA ALA B 115 -1.68 -18.11 -6.61
C ALA B 115 -2.51 -17.37 -5.57
N GLU B 116 -3.12 -18.11 -4.63
CA GLU B 116 -4.15 -17.58 -3.73
C GLU B 116 -3.74 -16.25 -3.12
N ARG B 117 -2.55 -16.18 -2.54
CA ARG B 117 -2.21 -15.01 -1.76
C ARG B 117 -1.85 -13.81 -2.66
N THR B 118 -1.15 -14.03 -3.77
CA THR B 118 -0.89 -12.91 -4.68
C THR B 118 -2.18 -12.36 -5.27
N MET B 119 -3.10 -13.24 -5.69
CA MET B 119 -4.40 -12.79 -6.19
C MET B 119 -5.13 -11.95 -5.18
N LEU B 120 -5.18 -12.43 -3.93
CA LEU B 120 -5.94 -11.75 -2.89
C LEU B 120 -5.28 -10.44 -2.45
N ASN B 121 -3.95 -10.40 -2.42
CA ASN B 121 -3.27 -9.15 -2.09
C ASN B 121 -3.58 -8.08 -3.12
N LEU B 122 -3.69 -8.47 -4.40
CA LEU B 122 -4.07 -7.53 -5.46
C LEU B 122 -5.53 -7.15 -5.34
N LEU B 123 -6.41 -8.15 -5.29
CA LEU B 123 -7.84 -7.91 -5.13
C LEU B 123 -8.12 -6.99 -3.94
N CYS B 124 -7.66 -7.36 -2.75
CA CYS B 124 -8.05 -6.65 -1.55
C CYS B 124 -7.53 -5.23 -1.53
N HIS B 125 -6.35 -4.98 -2.08
CA HIS B 125 -5.83 -3.62 -2.09
C HIS B 125 -6.57 -2.76 -3.10
N LEU B 126 -6.70 -3.22 -4.33
CA LEU B 126 -7.38 -2.42 -5.34
C LEU B 126 -8.85 -2.23 -5.00
N SER B 127 -9.52 -3.29 -4.55
CA SER B 127 -10.91 -3.11 -4.14
C SER B 127 -11.01 -2.15 -2.96
N GLY B 128 -10.02 -2.19 -2.06
CA GLY B 128 -9.99 -1.20 -0.99
C GLY B 128 -9.90 0.21 -1.53
N VAL B 129 -9.03 0.42 -2.53
CA VAL B 129 -8.89 1.72 -3.17
C VAL B 129 -10.21 2.15 -3.81
N ALA B 130 -10.87 1.24 -4.51
CA ALA B 130 -12.12 1.58 -5.14
C ALA B 130 -13.22 1.80 -4.11
N THR B 131 -13.18 1.06 -3.00
CA THR B 131 -14.22 1.17 -1.98
C THR B 131 -14.15 2.53 -1.29
N LEU B 132 -12.95 2.95 -0.90
CA LEU B 132 -12.78 4.25 -0.30
C LEU B 132 -13.16 5.36 -1.27
N THR B 133 -12.73 5.24 -2.53
CA THR B 133 -13.10 6.21 -3.54
C THR B 133 -14.62 6.31 -3.67
N ALA B 134 -15.30 5.17 -3.72
CA ALA B 134 -16.75 5.18 -3.79
C ALA B 134 -17.37 5.83 -2.55
N ARG B 135 -16.83 5.57 -1.37
CA ARG B 135 -17.33 6.25 -0.17
C ARG B 135 -17.22 7.76 -0.33
N TRP B 136 -16.07 8.23 -0.82
CA TRP B 136 -15.90 9.65 -1.08
C TRP B 136 -16.92 10.15 -2.09
N ASN B 137 -17.20 9.36 -3.12
CA ASN B 137 -18.21 9.75 -4.10
C ASN B 137 -19.57 9.96 -3.45
N ASP B 138 -20.01 9.04 -2.59
CA ASP B 138 -21.28 9.19 -1.88
C ASP B 138 -21.35 10.51 -1.14
N ALA B 139 -20.29 10.87 -0.41
CA ALA B 139 -20.30 12.11 0.35
C ALA B 139 -20.41 13.33 -0.56
N LEU B 140 -19.93 13.21 -1.80
CA LEU B 140 -20.02 14.29 -2.76
C LEU B 140 -21.31 14.26 -3.55
N ALA B 141 -22.14 13.25 -3.31
CA ALA B 141 -23.40 13.13 -4.03
C ALA B 141 -24.33 14.27 -3.65
N GLY B 142 -25.02 14.79 -4.66
CA GLY B 142 -25.87 15.96 -4.47
C GLY B 142 -25.14 17.27 -4.61
N THR B 143 -23.83 17.25 -4.84
CA THR B 143 -23.07 18.42 -5.23
C THR B 143 -22.49 18.17 -6.62
N HIS B 144 -21.88 19.20 -7.21
CA HIS B 144 -21.22 19.08 -8.49
C HIS B 144 -19.72 18.84 -8.35
N CYS B 145 -19.28 18.65 -7.12
CA CYS B 145 -17.90 18.31 -6.78
C CYS B 145 -17.60 16.85 -7.14
N LYS B 146 -16.47 16.61 -7.79
CA LYS B 146 -15.98 15.26 -8.05
C LYS B 146 -14.73 15.02 -7.21
N VAL B 147 -14.34 13.76 -7.02
CA VAL B 147 -13.15 13.40 -6.26
C VAL B 147 -12.05 12.96 -7.22
N ARG B 148 -10.81 13.31 -6.88
CA ARG B 148 -9.64 12.99 -7.71
C ARG B 148 -8.51 12.49 -6.84
N ASP B 149 -7.66 11.65 -7.43
CA ASP B 149 -6.50 11.09 -6.74
C ASP B 149 -5.32 12.06 -6.85
N SER B 150 -4.13 11.57 -6.51
CA SER B 150 -2.93 12.39 -6.44
C SER B 150 -1.78 11.56 -6.98
N ARG B 151 -0.56 12.03 -6.74
CA ARG B 151 0.62 11.22 -7.01
C ARG B 151 1.11 10.49 -5.77
N LYS B 152 0.34 10.54 -4.67
CA LYS B 152 0.73 9.87 -3.44
C LYS B 152 0.29 8.40 -3.47
N THR B 153 0.89 7.65 -4.40
CA THR B 153 0.58 6.24 -4.64
C THR B 153 1.62 5.32 -4.02
N LEU B 154 1.25 4.04 -3.83
CA LEU B 154 2.26 3.15 -3.27
C LEU B 154 3.28 2.76 -4.35
N PRO B 155 4.56 2.76 -4.01
CA PRO B 155 5.61 2.50 -5.00
C PRO B 155 5.35 1.24 -5.82
N GLY B 156 5.48 1.38 -7.13
CA GLY B 156 5.24 0.26 -8.02
C GLY B 156 3.78 0.03 -8.39
N LEU B 157 2.84 0.74 -7.78
CA LEU B 157 1.43 0.43 -7.94
C LEU B 157 0.61 1.58 -8.53
N ARG B 158 1.26 2.59 -9.12
CA ARG B 158 0.53 3.79 -9.52
C ARG B 158 -0.58 3.49 -10.52
N LEU B 159 -0.26 2.80 -11.62
CA LEU B 159 -1.26 2.59 -12.67
C LEU B 159 -2.39 1.68 -12.21
N LEU B 160 -2.11 0.64 -11.44
CA LEU B 160 -3.22 -0.17 -10.96
C LEU B 160 -4.08 0.62 -9.99
N GLU B 161 -3.46 1.45 -9.14
CA GLU B 161 -4.27 2.21 -8.18
C GLU B 161 -5.11 3.28 -8.87
N LYS B 162 -4.55 3.92 -9.89
CA LYS B 162 -5.33 4.90 -10.67
C LYS B 162 -6.52 4.22 -11.35
N TYR B 163 -6.28 3.05 -11.94
CA TYR B 163 -7.35 2.21 -12.44
C TYR B 163 -8.45 2.03 -11.40
N ALA B 164 -8.07 1.66 -10.17
CA ALA B 164 -9.06 1.38 -9.14
C ALA B 164 -9.79 2.63 -8.70
N VAL B 165 -9.14 3.79 -8.73
CA VAL B 165 -9.85 5.02 -8.44
C VAL B 165 -10.95 5.24 -9.48
N ARG B 166 -10.67 4.95 -10.74
CA ARG B 166 -11.68 5.06 -11.78
C ARG B 166 -12.82 4.11 -11.54
N ARG B 167 -12.51 2.87 -11.12
CA ARG B 167 -13.57 1.89 -10.89
C ARG B 167 -14.40 2.24 -9.67
N GLY B 168 -13.80 2.91 -8.69
CA GLY B 168 -14.60 3.38 -7.57
C GLY B 168 -15.37 4.65 -7.82
N GLY B 169 -15.33 5.16 -9.05
CA GLY B 169 -16.12 6.32 -9.42
C GLY B 169 -15.43 7.65 -9.28
N GLY B 170 -14.11 7.68 -9.17
CA GLY B 170 -13.39 8.93 -9.08
C GLY B 170 -12.71 9.24 -10.39
N GLN B 171 -11.97 10.35 -10.41
CA GLN B 171 -11.26 10.83 -11.58
C GLN B 171 -9.76 10.89 -11.32
N ASN B 172 -8.96 10.50 -12.31
CA ASN B 172 -7.50 10.55 -12.13
C ASN B 172 -7.02 11.98 -12.30
N HIS B 173 -6.09 12.37 -11.44
CA HIS B 173 -5.25 13.52 -11.67
C HIS B 173 -4.13 13.07 -12.62
N ARG B 174 -3.08 13.88 -12.77
CA ARG B 174 -1.99 13.51 -13.67
C ARG B 174 -1.31 12.22 -13.21
N LEU B 175 -0.56 11.61 -14.13
CA LEU B 175 0.04 10.31 -13.87
C LEU B 175 1.50 10.39 -13.50
N GLY B 176 2.20 11.45 -13.89
CA GLY B 176 3.60 11.60 -13.60
C GLY B 176 3.99 13.05 -13.59
N LEU B 177 5.29 13.33 -13.61
CA LEU B 177 5.78 14.70 -13.62
C LEU B 177 5.71 15.36 -15.00
N GLY B 178 5.49 14.58 -16.06
CA GLY B 178 5.58 15.13 -17.40
C GLY B 178 4.29 15.29 -18.18
N ASP B 179 3.13 14.90 -17.65
CA ASP B 179 1.88 15.00 -18.41
C ASP B 179 1.02 16.21 -18.04
N ALA B 180 1.39 16.97 -17.02
CA ALA B 180 0.63 18.16 -16.66
C ALA B 180 1.51 19.03 -15.77
N ILE B 181 1.21 20.30 -15.77
CA ILE B 181 1.88 21.23 -14.89
C ILE B 181 1.12 21.31 -13.58
N LEU B 182 1.86 21.30 -12.48
CA LEU B 182 1.27 21.53 -11.18
C LEU B 182 2.33 22.28 -10.36
N ILE B 183 2.17 23.59 -10.28
CA ILE B 183 3.05 24.48 -9.54
C ILE B 183 2.81 24.27 -8.05
N LYS B 184 3.80 23.73 -7.35
CA LYS B 184 3.64 23.35 -5.96
C LYS B 184 4.28 24.36 -5.01
N ASP B 185 4.12 24.11 -3.70
CA ASP B 185 4.67 24.97 -2.67
C ASP B 185 6.16 25.22 -2.87
N ASN B 186 6.92 24.19 -3.24
CA ASN B 186 8.37 24.31 -3.35
C ASN B 186 8.80 25.05 -4.61
N HIS B 187 8.08 24.90 -5.72
CA HIS B 187 8.33 25.73 -6.89
C HIS B 187 8.25 27.21 -6.52
N ILE B 188 7.27 27.56 -5.69
CA ILE B 188 7.05 28.94 -5.32
C ILE B 188 8.19 29.47 -4.44
N VAL B 189 8.68 28.64 -3.51
CA VAL B 189 9.85 29.02 -2.72
C VAL B 189 11.03 29.27 -3.64
N ALA B 190 11.38 28.28 -4.46
CA ALA B 190 12.49 28.41 -5.39
C ALA B 190 12.24 29.43 -6.48
N GLY B 191 11.00 29.88 -6.66
CA GLY B 191 10.67 30.72 -7.79
C GLY B 191 10.18 32.10 -7.39
N GLY B 192 10.50 32.53 -6.17
CA GLY B 192 10.12 33.86 -5.72
C GLY B 192 8.65 34.10 -5.39
N SER B 193 7.77 33.92 -6.36
CA SER B 193 6.38 34.31 -6.18
C SER B 193 5.45 33.30 -6.84
N ALA B 194 4.20 33.25 -6.37
CA ALA B 194 3.23 32.30 -6.92
C ALA B 194 2.81 32.68 -8.34
N GLY B 195 2.48 33.96 -8.56
CA GLY B 195 2.13 34.39 -9.90
C GLY B 195 3.31 34.60 -10.81
N ALA B 196 4.50 34.83 -10.22
CA ALA B 196 5.73 34.78 -11.01
C ALA B 196 5.90 33.39 -11.62
N ALA B 197 5.71 32.35 -10.81
CA ALA B 197 5.85 30.99 -11.31
C ALA B 197 4.78 30.67 -12.36
N LEU B 198 3.55 31.13 -12.15
CA LEU B 198 2.49 30.84 -13.11
C LEU B 198 2.79 31.48 -14.47
N GLN B 199 3.29 32.72 -14.45
CA GLN B 199 3.63 33.38 -15.71
C GLN B 199 4.77 32.66 -16.42
N ALA B 200 5.77 32.18 -15.67
CA ALA B 200 6.84 31.36 -16.23
C ALA B 200 6.33 30.08 -16.86
N ALA B 201 5.26 29.49 -16.32
CA ALA B 201 4.73 28.25 -16.88
C ALA B 201 4.00 28.50 -18.18
N ARG B 202 3.16 29.54 -18.23
CA ARG B 202 2.51 29.94 -19.48
C ARG B 202 3.55 30.26 -20.54
N ALA B 203 4.57 31.03 -20.17
CA ALA B 203 5.68 31.32 -21.07
C ALA B 203 6.17 30.05 -21.78
N HIS B 204 6.61 29.03 -21.00
CA HIS B 204 7.40 27.95 -21.59
C HIS B 204 6.56 27.05 -22.49
N THR B 205 5.39 26.61 -22.03
CA THR B 205 4.50 25.85 -22.90
C THR B 205 3.07 26.37 -22.74
N PRO B 206 2.59 27.15 -23.72
CA PRO B 206 1.31 27.86 -23.57
C PRO B 206 0.09 26.99 -23.79
N GLY B 207 0.27 25.75 -24.27
CA GLY B 207 -0.86 24.89 -24.54
C GLY B 207 -1.12 23.92 -23.41
N LEU B 208 -0.04 23.53 -22.75
CA LEU B 208 -0.12 22.79 -21.48
C LEU B 208 -0.81 23.64 -20.42
N PRO B 209 -1.86 23.12 -19.77
CA PRO B 209 -2.60 23.95 -18.81
C PRO B 209 -1.99 23.84 -17.41
N CYS B 210 -1.92 24.99 -16.73
CA CYS B 210 -1.27 25.09 -15.44
C CYS B 210 -2.31 25.07 -14.33
N GLU B 211 -2.14 24.16 -13.39
CA GLU B 211 -2.75 24.29 -12.09
C GLU B 211 -1.71 24.87 -11.14
N VAL B 212 -2.11 25.87 -10.37
CA VAL B 212 -1.21 26.49 -9.39
C VAL B 212 -1.78 26.21 -7.99
N GLU B 213 -0.88 25.88 -7.07
CA GLU B 213 -1.23 25.45 -5.72
C GLU B 213 -0.91 26.59 -4.75
N VAL B 214 -1.95 27.13 -4.10
CA VAL B 214 -1.77 28.24 -3.18
C VAL B 214 -2.05 27.78 -1.75
N THR B 215 -1.47 28.52 -0.79
CA THR B 215 -1.67 28.25 0.62
C THR B 215 -2.33 29.39 1.37
N THR B 216 -2.42 30.58 0.79
CA THR B 216 -2.98 31.73 1.46
C THR B 216 -4.05 32.32 0.56
N LEU B 217 -4.96 33.07 1.18
CA LEU B 217 -5.95 33.76 0.37
C LEU B 217 -5.32 34.82 -0.49
N ALA B 218 -4.21 35.40 -0.01
CA ALA B 218 -3.48 36.40 -0.79
C ALA B 218 -2.96 35.83 -2.10
N GLU B 219 -2.22 34.71 -2.03
CA GLU B 219 -1.80 34.00 -3.23
C GLU B 219 -2.97 33.74 -4.17
N LEU B 220 -4.16 33.46 -3.63
CA LEU B 220 -5.29 33.15 -4.50
C LEU B 220 -5.75 34.38 -5.27
N ASP B 221 -5.72 35.55 -4.63
CA ASP B 221 -6.04 36.77 -5.37
C ASP B 221 -5.00 37.01 -6.46
N GLU B 222 -3.73 36.77 -6.14
CA GLU B 222 -2.63 36.99 -7.07
C GLU B 222 -2.82 36.16 -8.34
N VAL B 223 -3.15 34.88 -8.19
CA VAL B 223 -3.28 34.06 -9.38
C VAL B 223 -4.64 34.27 -10.03
N LEU B 224 -5.67 34.65 -9.25
CA LEU B 224 -6.95 34.97 -9.88
C LEU B 224 -6.85 36.26 -10.68
N ALA B 225 -5.96 37.16 -10.28
CA ALA B 225 -5.74 38.39 -11.04
C ALA B 225 -5.09 38.10 -12.39
N LEU B 226 -4.08 37.22 -12.41
CA LEU B 226 -3.53 36.70 -13.65
C LEU B 226 -4.48 35.72 -14.36
N GLY B 227 -5.69 35.46 -13.87
CA GLY B 227 -6.64 34.60 -14.53
C GLY B 227 -6.17 33.17 -14.70
N ALA B 228 -5.69 32.55 -13.63
CA ALA B 228 -5.22 31.18 -13.74
C ALA B 228 -6.36 30.25 -14.13
N ASP B 229 -6.05 29.29 -15.01
CA ASP B 229 -7.07 28.35 -15.45
C ASP B 229 -7.57 27.50 -14.28
N GLU B 230 -6.65 27.01 -13.44
CA GLU B 230 -7.04 26.13 -12.34
C GLU B 230 -6.14 26.39 -11.13
N VAL B 231 -6.76 26.57 -9.96
CA VAL B 231 -6.04 26.81 -8.71
C VAL B 231 -6.34 25.67 -7.75
N MET B 232 -5.31 25.19 -7.07
CA MET B 232 -5.46 24.16 -6.05
C MET B 232 -5.25 24.79 -4.68
N LEU B 233 -6.24 24.65 -3.81
CA LEU B 233 -6.19 25.25 -2.48
C LEU B 233 -5.60 24.22 -1.52
N ASP B 234 -4.34 24.44 -1.15
CA ASP B 234 -3.61 23.52 -0.28
C ASP B 234 -3.96 23.81 1.18
N ASN B 235 -4.70 22.89 1.79
CA ASN B 235 -5.00 22.94 3.23
C ASN B 235 -5.82 24.17 3.61
N PHE B 236 -6.74 24.56 2.75
CA PHE B 236 -7.70 25.55 3.22
C PHE B 236 -8.69 24.88 4.15
N THR B 237 -9.17 25.63 5.14
CA THR B 237 -10.26 25.13 5.96
C THR B 237 -11.56 25.26 5.19
N VAL B 238 -12.57 24.51 5.65
CA VAL B 238 -13.91 24.60 5.05
C VAL B 238 -14.32 26.06 4.89
N GLU B 239 -13.99 26.90 5.86
CA GLU B 239 -14.33 28.31 5.79
C GLU B 239 -13.47 29.04 4.76
N GLN B 240 -12.17 28.73 4.72
CA GLN B 240 -11.31 29.35 3.71
C GLN B 240 -11.73 28.97 2.29
N CYS B 241 -12.26 27.75 2.09
CA CYS B 241 -12.76 27.37 0.77
C CYS B 241 -13.97 28.19 0.37
N VAL B 242 -14.86 28.44 1.32
CA VAL B 242 -16.06 29.23 1.04
C VAL B 242 -15.66 30.64 0.60
N GLU B 243 -14.68 31.22 1.30
CA GLU B 243 -14.13 32.52 0.89
C GLU B 243 -13.44 32.41 -0.47
N ALA B 244 -12.59 31.39 -0.64
CA ALA B 244 -11.97 31.13 -1.93
C ALA B 244 -13.00 31.11 -3.06
N VAL B 245 -14.10 30.37 -2.88
CA VAL B 245 -15.13 30.35 -3.91
C VAL B 245 -15.71 31.75 -4.11
N ARG B 246 -15.86 32.52 -3.02
CA ARG B 246 -16.45 33.86 -3.18
C ARG B 246 -15.53 34.75 -4.01
N ARG B 247 -14.25 34.82 -3.65
CA ARG B 247 -13.30 35.61 -4.42
C ARG B 247 -13.27 35.15 -5.89
N ARG B 248 -13.40 33.85 -6.13
CA ARG B 248 -13.37 33.35 -7.51
C ARG B 248 -14.61 33.79 -8.28
N ASP B 249 -15.76 33.83 -7.61
CA ASP B 249 -16.98 34.21 -8.31
C ASP B 249 -17.01 35.70 -8.58
N ALA B 250 -16.36 36.50 -7.74
CA ALA B 250 -16.17 37.93 -8.02
C ALA B 250 -15.40 38.14 -9.32
N ALA B 251 -14.15 37.65 -9.38
CA ALA B 251 -13.33 37.81 -10.57
C ALA B 251 -13.94 37.10 -11.79
N ARG B 252 -14.02 37.83 -12.91
CA ARG B 252 -14.74 37.43 -14.13
C ARG B 252 -14.16 36.20 -14.84
N THR B 253 -13.02 35.66 -14.36
CA THR B 253 -12.54 34.37 -14.86
C THR B 253 -13.25 33.24 -14.11
N ARG B 254 -13.66 32.21 -14.88
CA ARG B 254 -14.16 30.97 -14.29
C ARG B 254 -12.99 30.01 -14.10
N THR B 255 -12.19 30.35 -13.10
CA THR B 255 -11.13 29.48 -12.65
C THR B 255 -11.73 28.26 -11.95
N ARG B 256 -11.13 27.10 -12.19
CA ARG B 256 -11.56 25.86 -11.55
C ARG B 256 -10.85 25.75 -10.21
N LEU B 257 -11.59 25.36 -9.17
CA LEU B 257 -11.05 25.30 -7.81
C LEU B 257 -11.05 23.86 -7.31
N GLU B 258 -9.88 23.36 -6.95
CA GLU B 258 -9.68 22.02 -6.43
C GLU B 258 -9.06 22.16 -5.05
N ALA B 259 -9.68 21.53 -4.05
CA ALA B 259 -9.14 21.56 -2.68
C ALA B 259 -8.36 20.28 -2.42
N SER B 260 -7.28 20.40 -1.66
CA SER B 260 -6.42 19.27 -1.34
C SER B 260 -5.62 19.58 -0.09
N GLY B 261 -5.23 18.52 0.62
CA GLY B 261 -4.40 18.72 1.79
C GLY B 261 -5.12 18.40 3.08
N GLY B 262 -4.88 17.20 3.58
CA GLY B 262 -5.43 16.75 4.83
C GLY B 262 -6.81 16.13 4.77
N LEU B 263 -7.43 16.05 3.59
CA LEU B 263 -8.83 15.67 3.51
C LEU B 263 -9.06 14.27 4.07
N THR B 264 -10.08 14.15 4.92
CA THR B 264 -10.58 12.89 5.47
C THR B 264 -12.06 12.73 5.17
N LEU B 265 -12.50 11.48 5.17
CA LEU B 265 -13.89 11.17 4.85
C LEU B 265 -14.86 11.90 5.80
N ASP B 266 -14.65 11.74 7.11
CA ASP B 266 -14.94 12.74 8.15
C ASP B 266 -15.60 14.03 7.65
N VAL B 267 -14.81 14.87 6.98
CA VAL B 267 -15.21 16.19 6.54
C VAL B 267 -15.42 16.23 5.04
N ALA B 268 -15.40 15.07 4.38
CA ALA B 268 -15.61 15.05 2.93
C ALA B 268 -16.90 15.75 2.54
N ALA B 269 -18.02 15.35 3.16
CA ALA B 269 -19.31 15.89 2.72
C ALA B 269 -19.41 17.39 2.95
N ALA B 270 -18.72 17.88 3.99
CA ALA B 270 -18.69 19.33 4.24
C ALA B 270 -17.89 20.06 3.17
N TYR B 271 -16.69 19.58 2.86
CA TYR B 271 -15.88 20.22 1.83
C TYR B 271 -16.58 20.24 0.48
N ALA B 272 -17.36 19.20 0.16
CA ALA B 272 -18.08 19.17 -1.10
C ALA B 272 -19.10 20.30 -1.21
N ARG B 273 -19.55 20.84 -0.09
CA ARG B 273 -20.57 21.88 -0.09
C ARG B 273 -19.99 23.27 0.13
N THR B 274 -18.65 23.43 0.11
CA THR B 274 -18.10 24.78 0.10
C THR B 274 -18.29 25.44 -1.25
N GLY B 275 -18.53 24.67 -2.31
CA GLY B 275 -18.65 25.20 -3.65
C GLY B 275 -17.43 25.03 -4.52
N VAL B 276 -16.35 24.41 -4.02
CA VAL B 276 -15.21 24.04 -4.86
C VAL B 276 -15.64 22.97 -5.85
N ASP B 277 -14.84 22.80 -6.89
CA ASP B 277 -15.24 21.92 -7.97
C ASP B 277 -14.66 20.54 -7.87
N LEU B 278 -13.52 20.40 -7.18
CA LEU B 278 -12.80 19.15 -7.08
C LEU B 278 -12.21 19.03 -5.69
N LEU B 279 -12.08 17.79 -5.22
CA LEU B 279 -11.31 17.44 -4.03
C LEU B 279 -10.25 16.43 -4.42
N ALA B 280 -8.98 16.75 -4.15
CA ALA B 280 -7.86 15.86 -4.45
C ALA B 280 -7.45 15.15 -3.17
N VAL B 281 -7.65 13.84 -3.14
CA VAL B 281 -7.55 13.05 -1.92
C VAL B 281 -6.40 12.06 -2.04
N GLY B 282 -5.28 12.33 -1.35
CA GLY B 282 -4.20 11.37 -1.29
C GLY B 282 -4.58 10.07 -0.60
N ALA B 283 -5.50 10.13 0.38
CA ALA B 283 -5.89 8.94 1.12
C ALA B 283 -6.48 7.85 0.24
N LEU B 284 -7.00 8.18 -0.95
CA LEU B 284 -7.55 7.15 -1.81
C LEU B 284 -6.52 6.09 -2.10
N THR B 285 -5.26 6.47 -2.15
CA THR B 285 -4.21 5.57 -2.57
C THR B 285 -3.15 5.32 -1.52
N HIS B 286 -2.81 6.30 -0.66
CA HIS B 286 -1.77 6.02 0.34
C HIS B 286 -2.32 5.45 1.65
N SER B 287 -3.64 5.47 1.84
CA SER B 287 -4.27 5.07 3.11
C SER B 287 -5.60 4.38 2.88
N ALA B 288 -5.71 3.61 1.80
CA ALA B 288 -6.94 2.88 1.54
C ALA B 288 -6.95 1.58 2.33
N PRO B 289 -7.89 1.38 3.23
CA PRO B 289 -7.96 0.09 3.93
C PRO B 289 -8.43 -1.00 2.98
N ALA B 290 -7.79 -2.15 3.11
CA ALA B 290 -8.08 -3.28 2.24
C ALA B 290 -9.52 -3.79 2.42
N LEU B 291 -10.10 -4.31 1.33
CA LEU B 291 -11.39 -4.97 1.39
C LEU B 291 -11.17 -6.45 1.73
N ASP B 292 -11.94 -6.96 2.68
CA ASP B 292 -11.76 -8.35 3.10
C ASP B 292 -12.45 -9.26 2.11
N LEU B 293 -11.68 -9.74 1.12
CA LEU B 293 -12.07 -10.84 0.27
C LEU B 293 -11.22 -12.05 0.60
N GLY B 294 -11.83 -13.23 0.57
CA GLY B 294 -11.12 -14.46 0.81
C GLY B 294 -11.31 -15.42 -0.36
N LEU B 295 -10.47 -16.44 -0.38
CA LEU B 295 -10.56 -17.50 -1.38
C LEU B 295 -10.75 -18.82 -0.66
N ASP B 296 -11.85 -19.51 -0.98
CA ASP B 296 -12.28 -20.70 -0.26
C ASP B 296 -12.47 -21.86 -1.24
N PHE B 297 -12.08 -23.06 -0.81
CA PHE B 297 -12.22 -24.23 -1.66
C PHE B 297 -13.56 -24.89 -1.39
N ALA B 298 -14.03 -25.65 -2.39
CA ALA B 298 -15.30 -26.39 -2.33
C ALA B 298 -15.59 -27.10 -0.99
S SO4 C . -6.35 -10.07 8.72
O1 SO4 C . -6.49 -9.84 7.28
O2 SO4 C . -7.67 -10.46 9.26
O3 SO4 C . -5.91 -8.81 9.35
O4 SO4 C . -5.38 -11.13 9.03
S SO4 D . 3.09 17.24 0.93
O1 SO4 D . 3.14 15.77 1.10
O2 SO4 D . 2.04 17.59 -0.06
O3 SO4 D . 2.77 17.84 2.23
O4 SO4 D . 4.42 17.73 0.49
N1 NTM E . -1.32 -14.74 7.96
C2 NTM E . -0.69 -15.31 6.93
C3 NTM E . 0.57 -15.90 7.10
C4 NTM E . 1.13 -15.88 8.33
C5 NTM E . 0.48 -15.31 9.37
C6 NTM E . -0.76 -14.73 9.19
C7 NTM E . -1.37 -15.24 5.56
O1 NTM E . -2.32 -16.03 5.27
O2 NTM E . -0.94 -14.34 4.76
C8 NTM E . 1.35 -16.56 5.98
O3 NTM E . 0.73 -17.28 5.14
O4 NTM E . 2.61 -16.40 5.92
C1 EDO F . 7.89 -18.27 11.20
O1 EDO F . 9.31 -18.37 11.40
C2 EDO F . 7.17 -19.62 11.31
O2 EDO F . 6.83 -19.92 12.68
CL CL G . 16.74 -6.09 12.18
CL CL H . -8.70 -3.03 27.59
S SO4 I . -3.24 14.02 1.69
O1 SO4 I . -4.24 13.01 2.10
O2 SO4 I . -3.79 14.77 0.55
O3 SO4 I . -1.97 13.37 1.35
O4 SO4 I . -2.97 14.89 2.84
S SO4 J . -7.99 -15.29 3.99
O1 SO4 J . -9.37 -15.21 4.51
O2 SO4 J . -7.93 -16.28 2.89
O3 SO4 J . -7.57 -13.98 3.48
O4 SO4 J . -7.14 -15.66 5.14
N1 NTM K . -1.70 16.26 -4.93
C2 NTM K . -0.66 15.99 -5.76
C3 NTM K . -0.85 15.92 -7.13
C4 NTM K . -2.10 16.08 -7.63
C5 NTM K . -3.15 16.34 -6.81
C6 NTM K . -2.94 16.44 -5.45
C7 NTM K . 0.74 15.80 -5.17
O1 NTM K . 1.06 14.67 -4.71
O2 NTM K . 1.54 16.79 -5.13
C8 NTM K . 0.28 15.61 -8.10
O3 NTM K . -0.02 14.90 -9.10
O4 NTM K . 1.45 16.04 -7.94
C1 EDO L . -16.97 1.09 -13.55
O1 EDO L . -17.41 2.22 -12.78
C2 EDO L . -18.01 0.73 -14.60
O2 EDO L . -17.36 0.54 -15.88
CL CL M . -11.79 4.11 -17.81
CL CL N . -3.56 29.00 -17.60
CL CL O . -6.61 38.14 2.47
#